data_8CUW
#
_entry.id   8CUW
#
_cell.length_a   285.998
_cell.length_b   285.998
_cell.length_c   285.998
_cell.angle_alpha   90.000
_cell.angle_beta   90.000
_cell.angle_gamma   90.000
#
_symmetry.space_group_name_H-M   'F 41 3 2'
#
loop_
_entity.id
_entity.type
_entity.pdbx_description
1 polymer 'F4132-1-3 Chain A'
2 polymer 'F4132-1-3 Chain B'
#
loop_
_entity_poly.entity_id
_entity_poly.type
_entity_poly.pdbx_seq_one_letter_code
_entity_poly.pdbx_strand_id
1 'polypeptide(L)'
;MSKAKIGIVTVSDRASAGITADISGKAIILALNLYLTSEWEPIYQVIPDEQKVIETTLVKMADIQDCCLIVTTGGTGPAK
RDVTPEATEAVCDRMMPGFGELMRAESLKEVPTAILSRQTAGLRGDSLIVNLPGDPASISDCLLAVFPAIPYCIDLMEGP
YLECNEAMIKPFRPKAKLEHHHHHH
;
A
2 'polypeptide(L)'
;MVRGIRGAITVNSDTPTSIIIATILLLEKMLEANGIQSYEELAAVIFTVTEDLTSAFPAEAARQIGMHRVPLLSAREVPV
PGSLPRVIRVLALWNTDTPQDRVRHVYLSEAVRLRPDLESAQLEHHHHHH
;
B
#
# COMPACT_ATOMS: atom_id res chain seq x y z
N LYS A 3 -7.76 15.75 -18.17
CA LYS A 3 -7.00 15.47 -16.96
C LYS A 3 -7.91 14.89 -15.87
N ALA A 4 -7.87 13.58 -15.70
CA ALA A 4 -8.65 12.92 -14.66
C ALA A 4 -8.02 13.15 -13.30
N LYS A 5 -8.83 12.99 -12.26
CA LYS A 5 -8.39 13.26 -10.89
C LYS A 5 -8.90 12.19 -9.95
N ILE A 6 -8.10 11.87 -8.93
CA ILE A 6 -8.40 10.82 -7.96
C ILE A 6 -8.06 11.33 -6.57
N GLY A 7 -8.94 11.04 -5.60
CA GLY A 7 -8.72 11.44 -4.22
C GLY A 7 -8.23 10.29 -3.40
N ILE A 8 -7.18 10.53 -2.62
CA ILE A 8 -6.61 9.56 -1.69
C ILE A 8 -6.66 10.18 -0.30
N VAL A 9 -7.28 9.49 0.64
CA VAL A 9 -7.52 10.01 1.98
C VAL A 9 -6.98 9.02 2.99
N THR A 10 -6.04 9.47 3.83
CA THR A 10 -5.50 8.66 4.92
C THR A 10 -6.17 9.07 6.22
N VAL A 11 -6.70 8.10 6.95
CA VAL A 11 -7.46 8.33 8.18
C VAL A 11 -6.67 7.71 9.32
N SER A 12 -5.96 8.54 10.08
CA SER A 12 -5.20 8.10 11.25
C SER A 12 -4.74 9.29 12.07
N ASP A 13 -5.06 9.29 13.37
CA ASP A 13 -4.55 10.34 14.25
C ASP A 13 -3.03 10.32 14.31
N ARG A 14 -2.43 9.14 14.11
CA ARG A 14 -0.98 9.01 14.16
C ARG A 14 -0.32 9.78 13.02
N ALA A 15 -0.80 9.59 11.80
CA ALA A 15 -0.20 10.24 10.64
C ALA A 15 -0.62 11.70 10.53
N SER A 16 -1.83 12.04 10.97
CA SER A 16 -2.31 13.41 10.83
C SER A 16 -1.52 14.36 11.72
N ALA A 17 -1.17 13.93 12.93
CA ALA A 17 -0.35 14.71 13.84
C ALA A 17 1.13 14.71 13.47
N GLY A 18 1.51 13.99 12.42
CA GLY A 18 2.90 13.94 12.00
C GLY A 18 3.78 12.98 12.77
N ILE A 19 3.20 12.13 13.61
CA ILE A 19 4.00 11.22 14.44
C ILE A 19 4.65 10.14 13.57
N THR A 20 3.90 9.61 12.60
CA THR A 20 4.38 8.52 11.76
C THR A 20 4.11 8.84 10.29
N ALA A 21 4.89 8.21 9.42
CA ALA A 21 4.66 8.33 7.99
C ALA A 21 3.37 7.64 7.60
N ASP A 22 2.62 8.25 6.68
CA ASP A 22 1.31 7.71 6.29
C ASP A 22 1.44 6.30 5.74
N ILE A 23 2.36 6.09 4.81
CA ILE A 23 2.68 4.76 4.26
C ILE A 23 1.49 4.14 3.55
N SER A 24 0.37 3.98 4.27
CA SER A 24 -0.81 3.34 3.67
C SER A 24 -1.30 4.12 2.45
N GLY A 25 -1.35 5.44 2.55
CA GLY A 25 -1.74 6.25 1.41
C GLY A 25 -0.68 6.26 0.31
N LYS A 26 0.59 6.21 0.71
CA LYS A 26 1.67 6.10 -0.28
C LYS A 26 1.48 4.85 -1.14
N ALA A 27 1.03 3.76 -0.54
CA ALA A 27 0.82 2.53 -1.29
C ALA A 27 -0.32 2.69 -2.30
N ILE A 28 -1.39 3.39 -1.91
CA ILE A 28 -2.50 3.62 -2.82
C ILE A 28 -2.04 4.42 -4.03
N ILE A 29 -1.23 5.45 -3.80
CA ILE A 29 -0.71 6.26 -4.91
C ILE A 29 0.20 5.42 -5.79
N LEU A 30 1.00 4.54 -5.19
CA LEU A 30 1.89 3.69 -5.97
C LEU A 30 1.10 2.75 -6.86
N ALA A 31 0.08 2.09 -6.29
CA ALA A 31 -0.75 1.22 -7.11
C ALA A 31 -1.44 1.98 -8.23
N LEU A 32 -1.78 3.25 -7.99
CA LEU A 32 -2.43 4.07 -9.01
C LEU A 32 -1.45 4.64 -10.02
N ASN A 33 -0.15 4.76 -9.68
CA ASN A 33 0.85 5.05 -10.70
C ASN A 33 1.05 3.85 -11.62
N LEU A 34 0.87 2.63 -11.07
CA LEU A 34 0.62 1.44 -11.88
C LEU A 34 -0.83 1.48 -12.36
N TYR A 35 -1.38 0.34 -12.77
CA TYR A 35 -2.76 0.28 -13.25
C TYR A 35 -3.02 1.25 -14.40
N LEU A 36 -2.88 2.55 -14.12
CA LEU A 36 -3.38 3.61 -15.00
C LEU A 36 -2.29 4.04 -15.97
N THR A 37 -2.56 3.85 -17.27
CA THR A 37 -1.67 4.33 -18.32
C THR A 37 -1.94 5.78 -18.70
N SER A 38 -3.08 6.34 -18.31
CA SER A 38 -3.51 7.65 -18.75
C SER A 38 -3.07 8.74 -17.79
N GLU A 39 -3.19 9.99 -18.24
CA GLU A 39 -2.88 11.13 -17.38
C GLU A 39 -3.86 11.18 -16.21
N TRP A 40 -3.31 11.33 -15.01
CA TRP A 40 -4.12 11.39 -13.80
C TRP A 40 -3.38 12.20 -12.76
N GLU A 41 -4.15 12.90 -11.92
CA GLU A 41 -3.60 13.75 -10.88
C GLU A 41 -4.14 13.32 -9.53
N PRO A 42 -3.28 13.13 -8.53
CA PRO A 42 -3.77 12.72 -7.21
C PRO A 42 -4.07 13.90 -6.28
N ILE A 43 -5.25 13.91 -5.69
CA ILE A 43 -5.59 14.83 -4.60
C ILE A 43 -5.52 14.02 -3.30
N TYR A 44 -4.72 14.48 -2.34
CA TYR A 44 -4.33 13.62 -1.22
C TYR A 44 -4.21 14.44 0.05
N GLN A 45 -5.00 14.06 1.06
CA GLN A 45 -4.94 14.66 2.38
C GLN A 45 -4.86 13.57 3.44
N VAL A 46 -4.27 13.91 4.58
CA VAL A 46 -4.19 13.01 5.73
C VAL A 46 -4.95 13.68 6.88
N ILE A 47 -5.97 12.99 7.37
CA ILE A 47 -6.90 13.57 8.34
C ILE A 47 -7.06 12.60 9.51
N PRO A 48 -7.48 13.11 10.67
CA PRO A 48 -7.65 12.24 11.84
C PRO A 48 -8.98 11.50 11.87
N ASP A 49 -9.20 10.71 12.91
CA ASP A 49 -10.42 9.91 13.07
C ASP A 49 -11.57 10.76 13.60
N GLU A 50 -11.86 11.85 12.88
CA GLU A 50 -12.98 12.73 13.20
C GLU A 50 -14.03 12.55 12.11
N GLN A 51 -15.24 12.15 12.51
CA GLN A 51 -16.26 11.79 11.54
C GLN A 51 -16.62 12.98 10.66
N LYS A 52 -16.83 14.16 11.25
CA LYS A 52 -17.18 15.32 10.45
C LYS A 52 -16.04 15.78 9.56
N VAL A 53 -14.79 15.58 10.01
CA VAL A 53 -13.65 15.96 9.18
C VAL A 53 -13.53 15.03 7.99
N ILE A 54 -13.86 13.76 8.17
CA ILE A 54 -13.90 12.83 7.03
C ILE A 54 -15.02 13.22 6.07
N GLU A 55 -16.18 13.59 6.61
CA GLU A 55 -17.30 14.00 5.76
C GLU A 55 -16.92 15.17 4.88
N THR A 56 -16.11 16.09 5.40
CA THR A 56 -15.78 17.29 4.65
C THR A 56 -14.80 17.00 3.53
N THR A 57 -13.70 16.33 3.85
CA THR A 57 -12.68 16.03 2.84
C THR A 57 -13.27 15.20 1.70
N LEU A 58 -14.16 14.26 2.02
CA LEU A 58 -14.82 13.51 0.96
C LEU A 58 -15.70 14.42 0.12
N VAL A 59 -16.52 15.24 0.78
CA VAL A 59 -17.45 16.12 0.06
C VAL A 59 -16.67 17.15 -0.77
N LYS A 60 -15.61 17.71 -0.19
CA LYS A 60 -14.80 18.68 -0.93
C LYS A 60 -14.12 18.05 -2.13
N MET A 61 -13.63 16.81 -1.99
CA MET A 61 -13.02 16.14 -3.13
C MET A 61 -14.05 15.68 -4.16
N ALA A 62 -15.26 15.30 -3.71
CA ALA A 62 -16.23 14.72 -4.62
C ALA A 62 -16.95 15.77 -5.45
N ASP A 63 -17.08 16.99 -4.93
CA ASP A 63 -17.86 18.05 -5.57
C ASP A 63 -17.00 19.23 -6.00
N ILE A 64 -16.18 19.78 -5.10
CA ILE A 64 -15.36 20.94 -5.45
C ILE A 64 -14.15 20.51 -6.29
N GLN A 65 -13.38 19.53 -5.82
CA GLN A 65 -12.31 18.97 -6.64
C GLN A 65 -12.88 18.11 -7.78
N ASP A 66 -14.04 17.48 -7.55
CA ASP A 66 -14.74 16.69 -8.57
C ASP A 66 -13.87 15.55 -9.11
N CYS A 67 -13.08 14.94 -8.24
CA CYS A 67 -12.34 13.74 -8.63
C CYS A 67 -13.30 12.56 -8.70
N CYS A 68 -13.12 11.72 -9.72
CA CYS A 68 -14.11 10.69 -10.00
C CYS A 68 -14.04 9.52 -9.02
N LEU A 69 -12.88 9.28 -8.43
CA LEU A 69 -12.69 8.17 -7.51
C LEU A 69 -11.97 8.66 -6.26
N ILE A 70 -12.53 8.34 -5.09
CA ILE A 70 -11.94 8.70 -3.81
C ILE A 70 -11.64 7.42 -3.04
N VAL A 71 -10.49 7.37 -2.41
CA VAL A 71 -10.01 6.20 -1.68
C VAL A 71 -9.70 6.60 -0.24
N THR A 72 -10.18 5.82 0.71
CA THR A 72 -9.89 6.02 2.12
C THR A 72 -9.08 4.84 2.63
N THR A 73 -8.38 5.06 3.75
CA THR A 73 -7.65 3.98 4.40
C THR A 73 -7.66 4.20 5.90
N GLY A 74 -7.98 3.15 6.64
CA GLY A 74 -8.05 3.21 8.08
C GLY A 74 -9.46 3.50 8.58
N GLY A 75 -9.61 3.38 9.89
CA GLY A 75 -10.88 3.66 10.53
C GLY A 75 -12.02 2.73 10.13
N THR A 76 -11.69 1.51 9.72
CA THR A 76 -12.70 0.56 9.26
C THR A 76 -12.89 -0.61 10.21
N GLY A 77 -12.21 -0.64 11.35
CA GLY A 77 -12.26 -1.76 12.25
C GLY A 77 -13.27 -1.61 13.37
N PRO A 78 -13.18 -2.48 14.38
CA PRO A 78 -14.15 -2.47 15.48
C PRO A 78 -13.77 -1.61 16.67
N ALA A 79 -12.73 -0.79 16.58
CA ALA A 79 -12.39 0.11 17.67
C ALA A 79 -13.27 1.35 17.60
N LYS A 80 -13.71 1.83 18.76
CA LYS A 80 -14.66 2.95 18.77
C LYS A 80 -14.13 4.16 18.03
N ARG A 81 -12.80 4.31 17.95
CA ARG A 81 -12.22 5.37 17.13
C ARG A 81 -12.73 5.33 15.69
N ASP A 82 -12.88 4.12 15.14
CA ASP A 82 -13.10 3.97 13.70
C ASP A 82 -14.49 4.46 13.32
N VAL A 83 -14.52 5.46 12.43
CA VAL A 83 -15.77 6.09 11.99
C VAL A 83 -15.74 6.33 10.49
N THR A 84 -14.69 5.86 9.82
CA THR A 84 -14.58 6.03 8.37
C THR A 84 -15.78 5.50 7.60
N PRO A 85 -16.36 4.33 7.90
CA PRO A 85 -17.55 3.91 7.14
C PRO A 85 -18.77 4.78 7.40
N GLU A 86 -19.00 5.18 8.65
CA GLU A 86 -20.16 6.00 8.96
C GLU A 86 -20.12 7.32 8.19
N ALA A 87 -18.94 7.92 8.04
CA ALA A 87 -18.84 9.18 7.31
C ALA A 87 -19.17 9.00 5.83
N THR A 88 -18.91 7.80 5.29
CA THR A 88 -19.22 7.54 3.89
C THR A 88 -20.72 7.38 3.65
N GLU A 89 -21.46 6.83 4.63
CA GLU A 89 -22.89 6.58 4.41
C GLU A 89 -23.70 7.87 4.45
N ALA A 90 -23.20 8.92 5.11
CA ALA A 90 -23.93 10.18 5.16
C ALA A 90 -23.78 10.95 3.86
N VAL A 91 -22.58 10.94 3.27
CA VAL A 91 -22.28 11.79 2.13
C VAL A 91 -22.66 11.17 0.80
N CYS A 92 -23.10 9.91 0.77
CA CYS A 92 -23.46 9.24 -0.47
C CYS A 92 -24.97 9.00 -0.54
N ASP A 93 -25.53 9.26 -1.73
CA ASP A 93 -26.93 8.98 -2.00
C ASP A 93 -27.22 7.49 -2.05
N ARG A 94 -26.23 6.70 -2.47
CA ARG A 94 -26.43 5.30 -2.78
C ARG A 94 -25.22 4.50 -2.34
N MET A 95 -25.44 3.22 -2.07
CA MET A 95 -24.42 2.32 -1.57
C MET A 95 -24.13 1.24 -2.61
N MET A 96 -22.85 0.98 -2.82
CA MET A 96 -22.37 -0.11 -3.67
C MET A 96 -21.95 -1.26 -2.79
N PRO A 97 -22.88 -2.15 -2.40
CA PRO A 97 -22.54 -3.16 -1.39
C PRO A 97 -21.58 -4.22 -1.89
N GLY A 98 -21.42 -4.37 -3.20
CA GLY A 98 -20.55 -5.40 -3.73
C GLY A 98 -19.08 -5.17 -3.48
N PHE A 99 -18.68 -3.92 -3.23
CA PHE A 99 -17.27 -3.63 -2.97
C PHE A 99 -16.84 -4.17 -1.62
N GLY A 100 -17.63 -3.91 -0.58
CA GLY A 100 -17.28 -4.40 0.74
C GLY A 100 -17.37 -5.91 0.87
N GLU A 101 -18.38 -6.51 0.24
CA GLU A 101 -18.56 -7.96 0.32
C GLU A 101 -17.40 -8.70 -0.34
N LEU A 102 -16.91 -8.18 -1.47
CA LEU A 102 -15.83 -8.86 -2.18
C LEU A 102 -14.51 -8.71 -1.44
N MET A 103 -14.14 -7.48 -1.07
CA MET A 103 -12.88 -7.24 -0.38
C MET A 103 -12.84 -7.97 0.96
N ARG A 104 -13.99 -8.13 1.61
CA ARG A 104 -14.00 -8.82 2.90
C ARG A 104 -13.70 -10.31 2.76
N ALA A 105 -14.02 -10.88 1.60
CA ALA A 105 -13.73 -12.29 1.37
C ALA A 105 -12.36 -12.53 0.76
N GLU A 106 -11.79 -11.54 0.09
CA GLU A 106 -10.50 -11.71 -0.57
C GLU A 106 -9.31 -11.35 0.31
N SER A 107 -9.53 -10.56 1.38
CA SER A 107 -8.57 -10.50 2.47
C SER A 107 -8.80 -11.60 3.49
N LEU A 108 -9.89 -12.35 3.37
CA LEU A 108 -10.27 -13.39 4.34
C LEU A 108 -9.57 -14.72 4.08
N LYS A 109 -9.40 -15.10 2.82
CA LYS A 109 -8.64 -16.31 2.48
C LYS A 109 -7.15 -16.15 2.78
N GLU A 110 -6.73 -14.96 3.20
CA GLU A 110 -5.38 -14.68 3.67
C GLU A 110 -5.31 -14.36 5.15
N VAL A 111 -6.16 -13.48 5.65
CA VAL A 111 -6.24 -13.26 7.09
C VAL A 111 -7.68 -13.48 7.55
N PRO A 112 -7.90 -14.30 8.58
CA PRO A 112 -9.29 -14.58 9.00
C PRO A 112 -9.88 -13.42 9.79
N THR A 113 -9.02 -12.66 10.45
CA THR A 113 -9.46 -11.43 11.12
C THR A 113 -9.72 -10.28 10.14
N ALA A 114 -10.24 -10.59 8.95
CA ALA A 114 -10.74 -9.58 8.03
C ALA A 114 -12.25 -9.45 8.05
N ILE A 115 -12.97 -10.42 8.63
CA ILE A 115 -14.40 -10.25 8.89
C ILE A 115 -14.67 -9.18 9.93
N LEU A 116 -13.63 -8.74 10.65
CA LEU A 116 -13.74 -7.65 11.61
C LEU A 116 -13.71 -6.28 10.94
N SER A 117 -13.89 -6.22 9.63
CA SER A 117 -13.86 -4.98 8.88
C SER A 117 -15.27 -4.43 8.71
N ARG A 118 -15.35 -3.11 8.59
CA ARG A 118 -16.62 -2.42 8.30
C ARG A 118 -16.53 -1.62 7.01
N GLN A 119 -15.62 -2.00 6.12
CA GLN A 119 -15.45 -1.29 4.85
C GLN A 119 -16.76 -1.24 4.09
N THR A 120 -16.89 -0.22 3.25
CA THR A 120 -18.04 -0.08 2.38
C THR A 120 -17.67 0.89 1.27
N ALA A 121 -18.63 1.16 0.39
CA ALA A 121 -18.40 2.04 -0.74
C ALA A 121 -19.74 2.61 -1.20
N GLY A 122 -19.68 3.78 -1.83
CA GLY A 122 -20.89 4.43 -2.28
C GLY A 122 -20.60 5.47 -3.35
N LEU A 123 -21.66 6.16 -3.77
CA LEU A 123 -21.60 7.17 -4.82
C LEU A 123 -22.10 8.51 -4.29
N ARG A 124 -21.32 9.57 -4.48
CA ARG A 124 -21.78 10.93 -4.23
C ARG A 124 -22.09 11.57 -5.58
N GLY A 125 -23.30 11.30 -6.05
CA GLY A 125 -23.73 11.75 -7.36
C GLY A 125 -22.95 11.10 -8.48
N ASP A 126 -21.89 11.78 -8.92
CA ASP A 126 -21.05 11.32 -10.01
C ASP A 126 -19.71 10.76 -9.54
N SER A 127 -19.44 10.77 -8.23
CA SER A 127 -18.17 10.36 -7.70
C SER A 127 -18.30 9.03 -6.94
N LEU A 128 -17.28 8.18 -7.08
CA LEU A 128 -17.24 6.86 -6.47
C LEU A 128 -16.24 6.87 -5.32
N ILE A 129 -16.71 6.54 -4.12
CA ILE A 129 -15.88 6.51 -2.92
C ILE A 129 -15.78 5.06 -2.44
N VAL A 130 -14.56 4.65 -2.09
CA VAL A 130 -14.30 3.28 -1.64
C VAL A 130 -13.41 3.33 -0.41
N ASN A 131 -13.66 2.43 0.55
CA ASN A 131 -12.86 2.32 1.76
C ASN A 131 -11.81 1.22 1.61
N LEU A 132 -10.68 1.43 2.25
CA LEU A 132 -9.59 0.47 2.36
C LEU A 132 -9.13 0.43 3.81
N PRO A 133 -8.43 -0.63 4.22
CA PRO A 133 -7.97 -0.69 5.61
C PRO A 133 -6.63 -0.01 5.81
N GLY A 134 -6.02 -0.19 6.99
CA GLY A 134 -4.76 0.45 7.28
C GLY A 134 -3.54 -0.32 6.81
N ASP A 135 -3.64 -1.65 6.76
CA ASP A 135 -2.52 -2.50 6.34
C ASP A 135 -2.24 -2.32 4.85
N PRO A 136 -1.03 -1.92 4.46
CA PRO A 136 -0.73 -1.81 3.02
C PRO A 136 -0.74 -3.14 2.30
N ALA A 137 -0.29 -4.22 2.95
CA ALA A 137 -0.21 -5.51 2.29
C ALA A 137 -1.59 -6.01 1.85
N SER A 138 -2.65 -5.61 2.56
CA SER A 138 -4.01 -5.90 2.14
C SER A 138 -4.65 -4.76 1.37
N ILE A 139 -3.96 -3.63 1.23
CA ILE A 139 -4.43 -2.57 0.34
C ILE A 139 -4.25 -2.99 -1.12
N SER A 140 -3.09 -3.56 -1.46
CA SER A 140 -2.90 -4.10 -2.80
C SER A 140 -3.87 -5.23 -3.09
N ASP A 141 -4.14 -6.06 -2.09
CA ASP A 141 -5.06 -7.18 -2.27
C ASP A 141 -6.49 -6.69 -2.46
N CYS A 142 -6.86 -5.59 -1.80
CA CYS A 142 -8.22 -5.06 -1.95
C CYS A 142 -8.35 -4.20 -3.19
N LEU A 143 -7.36 -3.35 -3.48
CA LEU A 143 -7.40 -2.53 -4.69
C LEU A 143 -7.41 -3.39 -5.93
N LEU A 144 -6.57 -4.44 -5.95
CA LEU A 144 -6.53 -5.35 -7.08
C LEU A 144 -7.87 -6.03 -7.32
N ALA A 145 -8.64 -6.26 -6.25
CA ALA A 145 -9.84 -7.07 -6.36
C ALA A 145 -11.03 -6.31 -6.93
N VAL A 146 -11.09 -5.00 -6.74
CA VAL A 146 -12.25 -4.22 -7.18
C VAL A 146 -11.94 -3.26 -8.31
N PHE A 147 -10.66 -2.96 -8.57
CA PHE A 147 -10.34 -1.95 -9.57
C PHE A 147 -10.76 -2.31 -11.00
N PRO A 148 -10.77 -3.58 -11.44
CA PRO A 148 -11.26 -3.86 -12.81
C PRO A 148 -12.62 -3.28 -13.13
N ALA A 149 -13.53 -3.19 -12.16
CA ALA A 149 -14.86 -2.66 -12.41
C ALA A 149 -14.92 -1.14 -12.35
N ILE A 150 -13.88 -0.49 -11.83
CA ILE A 150 -13.91 0.95 -11.57
C ILE A 150 -13.88 1.76 -12.87
N PRO A 151 -12.99 1.50 -13.83
CA PRO A 151 -13.07 2.26 -15.08
C PRO A 151 -14.40 2.14 -15.77
N TYR A 152 -15.00 0.93 -15.74
CA TYR A 152 -16.34 0.78 -16.29
C TYR A 152 -17.36 1.56 -15.48
N CYS A 153 -17.22 1.54 -14.15
CA CYS A 153 -18.15 2.27 -13.28
C CYS A 153 -18.05 3.77 -13.51
N ILE A 154 -16.83 4.30 -13.58
CA ILE A 154 -16.66 5.73 -13.83
C ILE A 154 -17.21 6.10 -15.20
N ASP A 155 -17.05 5.21 -16.18
CA ASP A 155 -17.63 5.46 -17.50
C ASP A 155 -19.15 5.43 -17.43
N LEU A 156 -19.71 4.57 -16.58
CA LEU A 156 -21.17 4.50 -16.44
C LEU A 156 -21.74 5.79 -15.88
N MET A 157 -20.99 6.47 -15.01
CA MET A 157 -21.39 7.76 -14.47
C MET A 157 -20.93 8.93 -15.33
N GLU A 158 -20.60 8.67 -16.61
CA GLU A 158 -20.09 9.67 -17.54
C GLU A 158 -18.82 10.35 -17.05
N GLY A 159 -18.08 9.70 -16.15
CA GLY A 159 -16.81 10.21 -15.72
C GLY A 159 -15.73 9.99 -16.75
N PRO A 160 -14.53 10.50 -16.44
CA PRO A 160 -13.42 10.37 -17.39
C PRO A 160 -13.06 8.90 -17.62
N TYR A 161 -12.75 8.58 -18.88
CA TYR A 161 -12.36 7.23 -19.24
C TYR A 161 -11.02 6.89 -18.60
N LEU A 162 -10.99 5.80 -17.85
CA LEU A 162 -9.76 5.31 -17.24
C LEU A 162 -9.11 4.28 -18.15
N GLU A 163 -7.87 4.54 -18.54
CA GLU A 163 -7.08 3.65 -19.38
C GLU A 163 -6.24 2.75 -18.49
N CYS A 164 -6.36 1.43 -18.67
CA CYS A 164 -5.72 0.47 -17.79
C CYS A 164 -4.53 -0.20 -18.46
N ASN A 165 -3.59 -0.63 -17.62
CA ASN A 165 -2.36 -1.27 -18.07
C ASN A 165 -2.56 -2.78 -18.07
N GLU A 166 -2.43 -3.39 -19.26
CA GLU A 166 -2.66 -4.83 -19.39
C GLU A 166 -1.66 -5.63 -18.56
N ALA A 167 -0.49 -5.07 -18.27
CA ALA A 167 0.52 -5.80 -17.50
C ALA A 167 0.19 -5.82 -16.02
N MET A 168 -0.24 -4.69 -15.47
CA MET A 168 -0.43 -4.57 -14.03
C MET A 168 -1.84 -4.95 -13.57
N ILE A 169 -2.85 -4.75 -14.42
CA ILE A 169 -4.22 -5.06 -14.03
C ILE A 169 -5.04 -5.40 -15.27
N LYS A 170 -6.32 -5.72 -15.09
CA LYS A 170 -7.17 -6.20 -16.19
C LYS A 170 -8.57 -5.62 -16.02
N PRO A 171 -8.93 -4.61 -16.81
CA PRO A 171 -10.28 -4.03 -16.70
C PRO A 171 -11.29 -4.79 -17.54
N PHE A 172 -12.53 -4.80 -17.06
CA PHE A 172 -13.62 -5.38 -17.82
C PHE A 172 -14.61 -4.30 -18.20
N ARG A 173 -15.16 -4.42 -19.41
CA ARG A 173 -16.04 -3.41 -19.96
C ARG A 173 -17.26 -4.05 -20.61
N MET B 1 34.81 0.38 4.71
CA MET B 1 33.89 0.66 5.81
C MET B 1 32.44 0.64 5.32
N VAL B 2 31.74 -0.47 5.61
CA VAL B 2 30.40 -0.73 5.10
C VAL B 2 29.52 -1.27 6.22
N ARG B 3 28.24 -0.97 6.16
CA ARG B 3 27.25 -1.55 7.05
C ARG B 3 26.16 -2.23 6.25
N GLY B 4 25.54 -3.24 6.86
CA GLY B 4 24.42 -3.94 6.25
C GLY B 4 23.12 -3.50 6.88
N ILE B 5 22.07 -3.48 6.05
CA ILE B 5 20.74 -3.08 6.48
C ILE B 5 19.77 -4.18 6.07
N ARG B 6 19.15 -4.83 7.05
CA ARG B 6 18.19 -5.88 6.78
C ARG B 6 16.79 -5.30 6.62
N GLY B 7 16.03 -5.89 5.71
CA GLY B 7 14.64 -5.51 5.51
C GLY B 7 13.79 -6.73 5.27
N ALA B 8 12.49 -6.58 5.55
CA ALA B 8 11.55 -7.68 5.37
C ALA B 8 10.15 -7.12 5.25
N ILE B 9 9.33 -7.81 4.45
CA ILE B 9 7.94 -7.41 4.22
C ILE B 9 7.20 -8.56 3.58
N THR B 10 5.89 -8.64 3.79
CA THR B 10 5.07 -9.70 3.22
C THR B 10 4.04 -9.10 2.27
N VAL B 11 3.55 -9.95 1.35
CA VAL B 11 2.44 -9.61 0.48
C VAL B 11 1.32 -10.61 0.75
N ASN B 12 0.12 -10.26 0.29
CA ASN B 12 -1.04 -11.12 0.48
C ASN B 12 -1.46 -11.85 -0.79
N SER B 13 -0.72 -11.70 -1.89
CA SER B 13 -0.97 -12.42 -3.13
C SER B 13 0.22 -12.20 -4.06
N ASP B 14 0.46 -13.20 -4.91
CA ASP B 14 1.63 -13.20 -5.82
C ASP B 14 1.21 -12.58 -7.15
N THR B 15 1.23 -11.25 -7.18
CA THR B 15 0.92 -10.45 -8.35
C THR B 15 2.04 -9.45 -8.59
N PRO B 16 2.23 -9.00 -9.84
CA PRO B 16 3.30 -8.05 -10.10
C PRO B 16 3.16 -6.74 -9.34
N THR B 17 1.92 -6.26 -9.17
CA THR B 17 1.71 -5.00 -8.45
C THR B 17 2.10 -5.14 -6.98
N SER B 18 1.52 -6.12 -6.29
CA SER B 18 1.74 -6.27 -4.85
C SER B 18 3.21 -6.50 -4.53
N ILE B 19 3.96 -7.15 -5.42
CA ILE B 19 5.39 -7.31 -5.22
C ILE B 19 6.11 -5.97 -5.36
N ILE B 20 5.74 -5.20 -6.37
CA ILE B 20 6.42 -3.93 -6.64
C ILE B 20 6.11 -2.90 -5.57
N ILE B 21 4.84 -2.84 -5.13
CA ILE B 21 4.47 -1.87 -4.10
C ILE B 21 5.17 -2.20 -2.78
N ALA B 22 5.17 -3.48 -2.40
CA ALA B 22 5.81 -3.86 -1.15
C ALA B 22 7.31 -3.64 -1.20
N THR B 23 7.92 -3.85 -2.35
CA THR B 23 9.36 -3.64 -2.48
C THR B 23 9.71 -2.17 -2.33
N ILE B 24 9.02 -1.29 -3.06
CA ILE B 24 9.29 0.13 -2.99
C ILE B 24 9.03 0.66 -1.58
N LEU B 25 7.91 0.24 -0.99
CA LEU B 25 7.59 0.67 0.38
C LEU B 25 8.71 0.30 1.35
N LEU B 26 9.16 -0.95 1.29
CA LEU B 26 10.23 -1.39 2.19
C LEU B 26 11.54 -0.66 1.88
N LEU B 27 11.88 -0.53 0.60
CA LEU B 27 13.12 0.15 0.20
C LEU B 27 13.13 1.58 0.70
N GLU B 28 12.06 2.34 0.42
CA GLU B 28 12.04 3.75 0.80
C GLU B 28 11.96 3.93 2.31
N LYS B 29 11.38 2.97 3.03
CA LYS B 29 11.37 3.08 4.49
C LYS B 29 12.75 2.78 5.07
N MET B 30 13.49 1.84 4.47
CA MET B 30 14.82 1.51 4.95
C MET B 30 15.78 2.68 4.79
N LEU B 31 15.65 3.45 3.71
CA LEU B 31 16.51 4.60 3.49
C LEU B 31 16.16 5.75 4.44
N GLU B 32 14.86 6.02 4.60
CA GLU B 32 14.39 7.10 5.47
C GLU B 32 14.76 6.83 6.93
N ALA B 33 14.72 5.57 7.35
CA ALA B 33 15.01 5.24 8.74
C ALA B 33 16.47 5.51 9.09
N ASN B 34 17.37 5.32 8.12
CA ASN B 34 18.80 5.51 8.33
C ASN B 34 19.31 6.85 7.83
N GLY B 35 18.45 7.68 7.25
CA GLY B 35 18.89 8.98 6.78
C GLY B 35 19.65 8.96 5.47
N ILE B 36 19.37 7.98 4.61
CA ILE B 36 20.05 7.87 3.33
C ILE B 36 19.55 9.01 2.43
N GLN B 37 20.44 9.95 2.10
CA GLN B 37 20.02 11.07 1.28
C GLN B 37 20.00 10.70 -0.20
N SER B 38 21.02 10.00 -0.67
CA SER B 38 21.16 9.67 -2.08
C SER B 38 21.52 8.19 -2.23
N TYR B 39 21.30 7.69 -3.45
CA TYR B 39 21.66 6.31 -3.77
C TYR B 39 23.16 6.13 -3.91
N GLU B 40 23.93 7.21 -4.02
CA GLU B 40 25.37 7.10 -4.16
C GLU B 40 26.03 6.52 -2.91
N GLU B 41 25.34 6.53 -1.77
CA GLU B 41 25.89 5.94 -0.56
C GLU B 41 25.83 4.42 -0.59
N LEU B 42 24.92 3.85 -1.38
CA LEU B 42 24.77 2.40 -1.46
C LEU B 42 25.82 1.81 -2.39
N ALA B 43 26.50 0.76 -1.92
CA ALA B 43 27.41 0.03 -2.81
C ALA B 43 26.62 -0.92 -3.70
N ALA B 44 25.73 -1.71 -3.11
CA ALA B 44 24.85 -2.60 -3.86
C ALA B 44 23.69 -2.98 -2.95
N VAL B 45 22.65 -3.54 -3.57
CA VAL B 45 21.44 -3.95 -2.87
C VAL B 45 21.06 -5.35 -3.33
N ILE B 46 20.57 -6.16 -2.38
CA ILE B 46 20.30 -7.57 -2.61
C ILE B 46 18.92 -7.91 -2.05
N PHE B 47 18.18 -8.74 -2.77
CA PHE B 47 16.82 -9.12 -2.42
C PHE B 47 16.68 -10.63 -2.37
N THR B 48 15.75 -11.10 -1.55
CA THR B 48 15.37 -12.52 -1.48
C THR B 48 13.86 -12.61 -1.42
N VAL B 49 13.25 -13.27 -2.40
CA VAL B 49 11.86 -13.69 -2.34
C VAL B 49 11.83 -15.15 -1.86
N THR B 50 10.64 -15.67 -1.57
CA THR B 50 10.51 -17.06 -1.20
C THR B 50 10.24 -17.89 -2.44
N GLU B 51 9.84 -19.15 -2.25
CA GLU B 51 9.55 -19.99 -3.40
C GLU B 51 8.22 -19.63 -4.04
N ASP B 52 7.30 -19.06 -3.27
CA ASP B 52 5.94 -18.81 -3.72
C ASP B 52 5.72 -17.42 -4.34
N LEU B 53 6.75 -16.58 -4.38
CA LEU B 53 6.67 -15.28 -5.04
C LEU B 53 7.50 -15.32 -6.32
N THR B 54 6.84 -15.19 -7.47
CA THR B 54 7.52 -15.37 -8.75
C THR B 54 7.10 -14.39 -9.84
N SER B 55 5.93 -13.77 -9.78
CA SER B 55 5.37 -13.09 -10.93
C SER B 55 6.14 -11.85 -11.35
N ALA B 56 7.01 -11.31 -10.49
CA ALA B 56 7.76 -10.11 -10.87
C ALA B 56 9.04 -10.04 -10.05
N PHE B 57 9.98 -9.23 -10.54
CA PHE B 57 11.30 -9.01 -9.99
C PHE B 57 11.28 -7.89 -8.96
N PRO B 58 12.06 -8.01 -7.88
CA PRO B 58 12.29 -6.85 -7.02
C PRO B 58 13.11 -5.77 -7.71
N ALA B 59 13.91 -6.14 -8.71
CA ALA B 59 14.69 -5.15 -9.44
C ALA B 59 13.77 -4.19 -10.21
N GLU B 60 12.78 -4.74 -10.91
CA GLU B 60 11.87 -3.91 -11.71
C GLU B 60 11.21 -2.83 -10.88
N ALA B 61 10.92 -3.12 -9.61
CA ALA B 61 10.42 -2.08 -8.70
C ALA B 61 11.52 -1.12 -8.30
N ALA B 62 12.73 -1.62 -8.08
CA ALA B 62 13.83 -0.77 -7.67
C ALA B 62 14.26 0.19 -8.78
N ARG B 63 14.03 -0.19 -10.05
CA ARG B 63 14.37 0.68 -11.17
C ARG B 63 13.35 1.80 -11.37
N GLN B 64 12.14 1.65 -10.86
CA GLN B 64 11.11 2.67 -10.99
C GLN B 64 11.18 3.72 -9.89
N ILE B 65 12.23 3.69 -9.07
CA ILE B 65 12.48 4.73 -8.08
C ILE B 65 13.87 5.31 -8.31
N GLY B 66 14.41 5.10 -9.52
CA GLY B 66 15.66 5.73 -9.90
C GLY B 66 16.92 5.01 -9.47
N MET B 67 16.83 3.73 -9.09
CA MET B 67 18.00 2.98 -8.66
C MET B 67 18.68 2.23 -9.79
N HIS B 68 18.62 2.76 -11.02
CA HIS B 68 19.48 2.24 -12.08
C HIS B 68 20.94 2.43 -11.72
N ARG B 69 21.25 3.50 -10.96
CA ARG B 69 22.59 3.71 -10.46
C ARG B 69 23.03 2.56 -9.55
N VAL B 70 22.10 1.94 -8.84
CA VAL B 70 22.41 0.98 -7.80
C VAL B 70 22.55 -0.43 -8.40
N PRO B 71 23.59 -1.17 -8.04
CA PRO B 71 23.68 -2.58 -8.46
C PRO B 71 22.66 -3.42 -7.70
N LEU B 72 21.92 -4.24 -8.44
CA LEU B 72 20.83 -5.02 -7.88
C LEU B 72 21.09 -6.51 -8.11
N LEU B 73 20.51 -7.33 -7.25
CA LEU B 73 20.61 -8.78 -7.38
C LEU B 73 19.56 -9.44 -6.50
N SER B 74 18.99 -10.55 -6.97
CA SER B 74 17.90 -11.20 -6.25
C SER B 74 18.00 -12.71 -6.42
N ALA B 75 17.40 -13.43 -5.47
CA ALA B 75 17.37 -14.90 -5.46
C ALA B 75 16.25 -15.35 -4.53
N ARG B 76 16.24 -16.65 -4.20
CA ARG B 76 15.18 -17.27 -3.41
C ARG B 76 15.73 -17.70 -2.06
N GLU B 77 15.25 -17.07 -0.99
CA GLU B 77 15.59 -17.51 0.36
C GLU B 77 15.07 -18.93 0.58
N VAL B 78 15.79 -19.67 1.41
CA VAL B 78 15.58 -21.10 1.65
C VAL B 78 14.11 -21.42 1.86
N PRO B 79 13.56 -22.39 1.12
CA PRO B 79 12.16 -22.76 1.35
C PRO B 79 11.99 -23.64 2.58
N VAL B 80 11.91 -23.02 3.76
CA VAL B 80 11.89 -23.76 5.01
C VAL B 80 10.45 -24.07 5.40
N PRO B 81 10.13 -25.31 5.80
CA PRO B 81 8.75 -25.64 6.14
C PRO B 81 8.25 -24.81 7.31
N GLY B 82 7.00 -24.34 7.19
CA GLY B 82 6.38 -23.56 8.23
C GLY B 82 6.88 -22.15 8.39
N SER B 83 7.84 -21.71 7.57
CA SER B 83 8.33 -20.36 7.69
C SER B 83 7.29 -19.37 7.19
N LEU B 84 7.48 -18.12 7.57
CA LEU B 84 6.61 -17.04 7.14
C LEU B 84 6.59 -16.96 5.62
N PRO B 85 5.43 -17.11 4.99
CA PRO B 85 5.36 -17.19 3.53
C PRO B 85 5.21 -15.84 2.85
N ARG B 86 5.54 -15.83 1.55
CA ARG B 86 5.38 -14.64 0.70
C ARG B 86 6.08 -13.43 1.32
N VAL B 87 7.35 -13.61 1.67
CA VAL B 87 8.13 -12.57 2.34
C VAL B 87 9.28 -12.17 1.44
N ILE B 88 9.43 -10.86 1.24
CA ILE B 88 10.57 -10.29 0.52
C ILE B 88 11.54 -9.70 1.53
N ARG B 89 12.79 -10.09 1.43
CA ARG B 89 13.83 -9.67 2.36
C ARG B 89 14.92 -8.91 1.59
N VAL B 90 15.48 -7.89 2.24
CA VAL B 90 16.41 -6.97 1.60
C VAL B 90 17.66 -6.85 2.45
N LEU B 91 18.82 -6.93 1.81
CA LEU B 91 20.11 -6.62 2.43
C LEU B 91 20.78 -5.57 1.55
N ALA B 92 20.69 -4.31 1.96
CA ALA B 92 21.35 -3.21 1.27
C ALA B 92 22.68 -2.92 1.94
N LEU B 93 23.73 -2.76 1.13
CA LEU B 93 25.07 -2.53 1.63
C LEU B 93 25.40 -1.04 1.51
N TRP B 94 25.85 -0.46 2.61
CA TRP B 94 25.83 0.99 2.81
C TRP B 94 27.23 1.46 3.20
N ASN B 95 27.86 2.22 2.32
CA ASN B 95 29.17 2.83 2.59
C ASN B 95 29.01 3.88 3.68
N THR B 96 29.29 3.50 4.93
CA THR B 96 29.10 4.41 6.05
C THR B 96 30.00 3.98 7.21
N ASP B 97 30.24 4.93 8.10
CA ASP B 97 30.94 4.70 9.36
C ASP B 97 29.99 4.54 10.53
N THR B 98 28.70 4.37 10.26
CA THR B 98 27.70 4.29 11.31
C THR B 98 27.96 3.04 12.17
N PRO B 99 27.87 3.15 13.50
CA PRO B 99 28.03 1.98 14.35
C PRO B 99 26.99 0.92 14.03
N GLN B 100 27.33 -0.33 14.36
CA GLN B 100 26.46 -1.46 14.01
C GLN B 100 25.14 -1.38 14.79
N ASP B 101 25.21 -1.01 16.07
CA ASP B 101 24.01 -0.91 16.90
C ASP B 101 23.13 0.29 16.54
N ARG B 102 23.58 1.17 15.65
CA ARG B 102 22.78 2.32 15.24
C ARG B 102 21.89 2.03 14.05
N VAL B 103 22.30 1.12 13.17
CA VAL B 103 21.60 0.93 11.90
C VAL B 103 20.18 0.45 12.18
N ARG B 104 19.20 1.18 11.64
CA ARG B 104 17.80 0.80 11.77
C ARG B 104 17.50 -0.31 10.77
N HIS B 105 17.08 -1.47 11.29
CA HIS B 105 16.51 -2.51 10.46
C HIS B 105 15.00 -2.30 10.37
N VAL B 106 14.43 -2.68 9.23
CA VAL B 106 13.03 -2.39 8.92
C VAL B 106 12.33 -3.70 8.60
N TYR B 107 11.55 -4.19 9.55
CA TYR B 107 10.66 -5.33 9.36
C TYR B 107 9.23 -4.82 9.36
N LEU B 108 8.52 -5.01 8.26
CA LEU B 108 7.19 -4.43 8.06
C LEU B 108 6.16 -5.52 7.80
N SER B 109 4.90 -5.12 7.85
CA SER B 109 3.74 -5.98 7.54
C SER B 109 3.74 -7.17 8.50
N GLU B 110 3.33 -8.34 8.01
CA GLU B 110 3.37 -9.55 8.83
C GLU B 110 4.80 -10.06 9.04
N ALA B 111 5.79 -9.46 8.39
CA ALA B 111 7.18 -9.87 8.51
C ALA B 111 7.85 -9.35 9.77
N VAL B 112 7.13 -8.61 10.62
CA VAL B 112 7.70 -8.18 11.88
C VAL B 112 7.93 -9.35 12.82
N ARG B 113 7.29 -10.50 12.55
CA ARG B 113 7.62 -11.71 13.31
C ARG B 113 9.08 -12.10 13.14
N LEU B 114 9.68 -11.75 11.99
CA LEU B 114 11.09 -12.07 11.74
C LEU B 114 12.03 -11.10 12.42
N ARG B 115 11.50 -10.04 13.05
CA ARG B 115 12.32 -9.09 13.79
C ARG B 115 13.14 -9.82 14.85
N PRO B 116 14.47 -9.69 14.83
CA PRO B 116 15.29 -10.43 15.79
C PRO B 116 14.99 -10.02 17.22
N ASP B 117 14.59 -10.99 18.03
CA ASP B 117 14.41 -10.75 19.45
C ASP B 117 15.76 -10.48 20.09
N LEU B 118 15.79 -9.49 20.99
CA LEU B 118 17.05 -9.11 21.62
C LEU B 118 17.58 -10.20 22.53
N GLU B 119 16.69 -10.98 23.14
CA GLU B 119 17.05 -12.08 24.05
C GLU B 119 16.26 -13.33 23.66
N SER B 120 16.74 -14.02 22.63
CA SER B 120 16.14 -15.27 22.18
C SER B 120 17.18 -16.38 22.29
N ALA B 121 16.99 -17.28 23.25
CA ALA B 121 17.84 -18.45 23.45
C ALA B 121 19.23 -18.03 23.92
N GLN B 122 20.06 -17.51 23.00
CA GLN B 122 21.42 -17.04 23.28
C GLN B 122 22.24 -18.10 24.02
N LEU B 123 22.37 -19.27 23.37
CA LEU B 123 23.09 -20.42 23.94
C LEU B 123 24.53 -20.13 24.36
#